data_6YPB
#
_entry.id   6YPB
#
_cell.length_a   48.674
_cell.length_b   48.674
_cell.length_c   103.132
_cell.angle_alpha   90.000
_cell.angle_beta   90.000
_cell.angle_gamma   120.000
#
_symmetry.space_group_name_H-M   'P 31 2 1'
#
loop_
_entity.id
_entity.type
_entity.pdbx_description
1 polymer 'Geranyl diphosphate phosphohydrolase'
2 water water
#
_entity_poly.entity_id   1
_entity_poly.type   'polypeptide(L)'
_entity_poly.pdbx_seq_one_letter_code
;MGNETVVVAETAGSIKVAVVVCLLRGQNVLLGRRRSSLGDSTFSLPSGHLEFGESFEECAARELKEETDLDIGKIELLTV
TNNLFLDEAKPSQYVAVFMRAVLADPRQEPQNIEPEFCDGWGWYEWDNLPKPLFWPLDNVVQDGFNPFPT
;
_entity_poly.pdbx_strand_id   A
#
# COMPACT_ATOMS: atom_id res chain seq x y z
N GLY A 13 -0.36 14.12 -20.10
CA GLY A 13 -1.48 13.24 -19.77
C GLY A 13 -0.99 11.80 -19.74
N SER A 14 -0.40 11.41 -18.60
CA SER A 14 0.39 10.19 -18.55
C SER A 14 -0.28 9.11 -17.70
N ILE A 15 -0.09 7.87 -18.14
CA ILE A 15 -0.57 6.69 -17.43
C ILE A 15 0.60 6.09 -16.65
N LYS A 16 0.41 5.95 -15.35
CA LYS A 16 1.46 5.50 -14.45
C LYS A 16 0.98 4.24 -13.74
N VAL A 17 1.93 3.37 -13.40
CA VAL A 17 1.66 2.15 -12.67
C VAL A 17 2.19 2.30 -11.26
N ALA A 18 1.32 2.12 -10.28
CA ALA A 18 1.69 2.06 -8.88
C ALA A 18 1.48 0.63 -8.38
N VAL A 19 2.31 0.22 -7.44
CA VAL A 19 2.12 -1.02 -6.69
C VAL A 19 1.74 -0.63 -5.27
N VAL A 20 0.62 -1.17 -4.80
CA VAL A 20 0.03 -0.90 -3.48
CA VAL A 20 0.12 -0.89 -3.46
C VAL A 20 0.08 -2.18 -2.68
N VAL A 21 0.52 -2.12 -1.43
CA VAL A 21 0.79 -3.32 -0.66
C VAL A 21 -0.12 -3.41 0.55
N CYS A 22 -0.82 -4.53 0.67
CA CYS A 22 -1.58 -4.90 1.84
C CYS A 22 -0.66 -5.79 2.66
N LEU A 23 0.13 -5.16 3.53
CA LEU A 23 1.00 -5.89 4.44
C LEU A 23 0.17 -6.37 5.62
N LEU A 24 0.04 -7.69 5.74
CA LEU A 24 -0.85 -8.29 6.73
C LEU A 24 -0.04 -8.94 7.84
N ARG A 25 -0.53 -8.80 9.05
CA ARG A 25 0.01 -9.55 10.18
C ARG A 25 -1.18 -9.93 11.06
N GLY A 26 -1.46 -11.23 11.16
CA GLY A 26 -2.66 -11.63 11.86
C GLY A 26 -3.87 -11.02 11.19
N GLN A 27 -4.68 -10.31 11.96
CA GLN A 27 -5.91 -9.71 11.48
C GLN A 27 -5.76 -8.24 11.12
N ASN A 28 -4.53 -7.73 11.08
CA ASN A 28 -4.27 -6.32 10.87
C ASN A 28 -3.55 -6.09 9.54
N VAL A 29 -3.77 -4.90 8.98
CA VAL A 29 -3.07 -4.44 7.80
C VAL A 29 -2.33 -3.15 8.16
N LEU A 30 -1.18 -2.94 7.54
CA LEU A 30 -0.41 -1.74 7.78
C LEU A 30 -0.96 -0.58 6.96
N LEU A 31 -1.24 0.53 7.62
CA LEU A 31 -1.60 1.76 6.95
C LEU A 31 -0.77 2.92 7.49
N GLY A 32 -0.51 3.89 6.63
CA GLY A 32 0.18 5.10 7.05
C GLY A 32 -0.61 6.33 6.71
N ARG A 33 -0.29 7.46 7.34
CA ARG A 33 -0.97 8.72 7.07
C ARG A 33 -0.12 9.51 6.08
N ARG A 34 -0.70 9.83 4.92
CA ARG A 34 0.04 10.39 3.81
C ARG A 34 0.41 11.85 4.02
N ARG A 35 1.49 12.27 3.35
CA ARG A 35 1.90 13.67 3.30
C ARG A 35 2.32 14.05 1.88
N LEU A 38 -0.52 13.96 -3.68
CA LEU A 38 -1.89 13.50 -3.80
C LEU A 38 -2.37 12.83 -2.50
N GLY A 39 -3.52 13.29 -1.99
CA GLY A 39 -4.12 12.63 -0.84
C GLY A 39 -3.58 13.02 0.50
N ASP A 40 -3.14 14.27 0.65
CA ASP A 40 -2.52 14.71 1.89
C ASP A 40 -3.39 14.39 3.10
N SER A 41 -2.78 13.80 4.12
CA SER A 41 -3.32 13.50 5.44
C SER A 41 -4.41 12.45 5.43
N THR A 42 -4.56 11.69 4.35
CA THR A 42 -5.45 10.54 4.38
C THR A 42 -4.64 9.29 4.70
N PHE A 43 -5.32 8.27 5.20
CA PHE A 43 -4.66 7.00 5.45
C PHE A 43 -4.56 6.20 4.17
N SER A 44 -3.41 5.57 3.97
CA SER A 44 -3.22 4.82 2.73
C SER A 44 -2.33 3.63 2.98
N LEU A 45 -2.42 2.68 2.07
CA LEU A 45 -1.50 1.57 2.04
C LEU A 45 -0.14 2.06 1.55
N PRO A 46 0.93 1.37 1.93
CA PRO A 46 2.21 1.57 1.24
C PRO A 46 1.99 1.47 -0.25
N SER A 47 2.51 2.45 -0.98
CA SER A 47 2.36 2.48 -2.43
C SER A 47 3.57 3.19 -3.00
N GLY A 48 3.80 2.98 -4.28
CA GLY A 48 4.86 3.69 -4.95
C GLY A 48 4.81 3.33 -6.42
N HIS A 49 5.64 4.01 -7.19
CA HIS A 49 5.66 3.82 -8.63
C HIS A 49 6.43 2.55 -8.95
N LEU A 50 5.87 1.72 -9.81
CA LEU A 50 6.64 0.64 -10.41
C LEU A 50 7.82 1.25 -11.15
N GLU A 51 9.01 0.72 -10.88
CA GLU A 51 10.21 1.18 -11.56
C GLU A 51 10.55 0.22 -12.69
N PHE A 52 11.08 0.77 -13.76
CA PHE A 52 11.35 -0.05 -14.94
C PHE A 52 12.26 -1.21 -14.57
N GLY A 53 11.91 -2.39 -15.06
CA GLY A 53 12.63 -3.61 -14.77
C GLY A 53 12.11 -4.38 -13.58
N GLU A 54 11.30 -3.75 -12.73
CA GLU A 54 10.86 -4.39 -11.50
C GLU A 54 9.70 -5.34 -11.74
N SER A 55 9.71 -6.46 -11.04
CA SER A 55 8.50 -7.24 -10.86
C SER A 55 7.58 -6.51 -9.87
N PHE A 56 6.28 -6.85 -9.93
CA PHE A 56 5.37 -6.29 -8.92
C PHE A 56 5.90 -6.56 -7.52
N GLU A 57 6.38 -7.79 -7.29
CA GLU A 57 6.85 -8.21 -5.98
C GLU A 57 8.07 -7.40 -5.56
N GLU A 58 9.02 -7.21 -6.46
CA GLU A 58 10.18 -6.39 -6.15
C GLU A 58 9.76 -4.97 -5.78
N CYS A 59 8.84 -4.40 -6.55
CA CYS A 59 8.34 -3.06 -6.26
C CYS A 59 7.69 -3.03 -4.88
N ALA A 60 6.82 -4.00 -4.59
CA ALA A 60 6.18 -4.05 -3.27
C ALA A 60 7.23 -4.10 -2.17
N ALA A 61 8.22 -4.99 -2.31
CA ALA A 61 9.26 -5.12 -1.29
C ALA A 61 10.06 -3.84 -1.16
N ARG A 62 10.44 -3.23 -2.28
CA ARG A 62 11.22 -1.99 -2.22
C ARG A 62 10.41 -0.89 -1.53
N GLU A 63 9.15 -0.74 -1.91
CA GLU A 63 8.32 0.30 -1.32
C GLU A 63 8.25 0.15 0.19
N LEU A 64 8.00 -1.08 0.67
CA LEU A 64 7.94 -1.28 2.11
C LEU A 64 9.27 -1.00 2.76
N LYS A 65 10.37 -1.45 2.15
CA LYS A 65 11.69 -1.18 2.74
C LYS A 65 11.96 0.32 2.79
N GLU A 66 11.66 1.04 1.71
CA GLU A 66 11.95 2.46 1.64
C GLU A 66 11.09 3.25 2.63
N GLU A 67 9.84 2.84 2.82
CA GLU A 67 8.91 3.62 3.63
C GLU A 67 8.92 3.25 5.10
N THR A 68 9.21 1.99 5.42
CA THR A 68 9.05 1.48 6.76
C THR A 68 10.25 0.68 7.26
N ASP A 69 11.23 0.42 6.40
CA ASP A 69 12.35 -0.49 6.66
C ASP A 69 11.91 -1.92 6.91
N LEU A 70 10.67 -2.26 6.61
CA LEU A 70 10.19 -3.62 6.83
C LEU A 70 10.54 -4.51 5.65
N ASP A 71 10.94 -5.73 5.95
CA ASP A 71 11.21 -6.74 4.94
C ASP A 71 9.98 -7.65 4.87
N ILE A 72 9.42 -7.75 3.68
CA ILE A 72 8.17 -8.47 3.48
C ILE A 72 8.44 -9.68 2.61
N GLY A 73 7.49 -10.61 2.65
CA GLY A 73 7.57 -11.80 1.83
C GLY A 73 6.20 -12.37 1.52
N LYS A 74 6.16 -13.50 0.82
CA LYS A 74 4.91 -14.11 0.38
C LYS A 74 4.03 -13.06 -0.29
N ILE A 75 4.64 -12.32 -1.22
CA ILE A 75 3.97 -11.24 -1.93
C ILE A 75 3.09 -11.83 -3.02
N GLU A 76 1.80 -11.50 -2.97
CA GLU A 76 0.84 -12.12 -3.88
C GLU A 76 -0.06 -11.07 -4.49
N LEU A 77 -0.34 -11.25 -5.78
CA LEU A 77 -1.23 -10.34 -6.48
C LEU A 77 -2.66 -10.50 -6.00
N LEU A 78 -3.33 -9.37 -5.78
CA LEU A 78 -4.73 -9.37 -5.39
C LEU A 78 -5.63 -8.84 -6.49
N THR A 79 -5.40 -7.61 -6.94
CA THR A 79 -6.25 -7.02 -7.96
C THR A 79 -5.52 -5.84 -8.58
N VAL A 80 -6.21 -5.13 -9.47
CA VAL A 80 -5.68 -3.94 -10.11
C VAL A 80 -6.85 -2.99 -10.30
N THR A 81 -6.59 -1.70 -10.13
CA THR A 81 -7.62 -0.70 -10.31
C THR A 81 -7.11 0.43 -11.19
N ASN A 82 -8.08 1.16 -11.73
CA ASN A 82 -7.84 2.28 -12.63
CA ASN A 82 -7.86 2.28 -12.64
C ASN A 82 -8.21 3.57 -11.90
N ASN A 83 -7.26 4.51 -11.85
CA ASN A 83 -7.45 5.71 -11.03
C ASN A 83 -7.02 6.94 -11.80
N LEU A 84 -8.00 7.78 -12.15
CA LEU A 84 -7.78 8.95 -12.98
C LEU A 84 -7.59 10.19 -12.10
N PHE A 85 -6.59 10.99 -12.42
CA PHE A 85 -6.35 12.25 -11.73
C PHE A 85 -6.42 13.42 -12.71
N PRO A 91 -4.07 15.35 -14.89
CA PRO A 91 -3.06 15.02 -15.89
C PRO A 91 -2.46 13.62 -15.76
N SER A 92 -2.93 12.81 -14.83
CA SER A 92 -2.35 11.49 -14.66
C SER A 92 -3.42 10.46 -14.35
N GLN A 93 -3.11 9.22 -14.71
CA GLN A 93 -3.95 8.05 -14.51
C GLN A 93 -3.07 6.96 -13.94
N TYR A 94 -3.46 6.42 -12.79
CA TYR A 94 -2.68 5.41 -12.12
C TYR A 94 -3.41 4.07 -12.22
N VAL A 95 -2.73 3.09 -12.81
CA VAL A 95 -3.12 1.70 -12.70
C VAL A 95 -2.45 1.17 -11.43
N ALA A 96 -3.26 0.88 -10.42
CA ALA A 96 -2.75 0.47 -9.11
C ALA A 96 -2.85 -1.05 -8.99
N VAL A 97 -1.70 -1.70 -8.87
CA VAL A 97 -1.63 -3.15 -8.71
C VAL A 97 -1.56 -3.44 -7.21
N PHE A 98 -2.58 -4.11 -6.68
CA PHE A 98 -2.66 -4.42 -5.27
C PHE A 98 -2.00 -5.77 -4.99
N MET A 99 -1.04 -5.77 -4.07
CA MET A 99 -0.39 -6.98 -3.60
CA MET A 99 -0.41 -6.99 -3.61
C MET A 99 -0.69 -7.15 -2.11
N ARG A 100 -0.74 -8.38 -1.66
CA ARG A 100 -0.69 -8.61 -0.24
C ARG A 100 0.66 -9.23 0.07
N ALA A 101 1.09 -9.07 1.32
CA ALA A 101 2.36 -9.63 1.75
C ALA A 101 2.25 -9.86 3.25
N VAL A 102 3.24 -10.56 3.78
CA VAL A 102 3.42 -10.71 5.22
C VAL A 102 4.84 -10.26 5.53
N LEU A 103 5.09 -10.05 6.81
CA LEU A 103 6.45 -9.73 7.23
C LEU A 103 7.33 -10.97 7.16
N ALA A 104 8.53 -10.80 6.59
CA ALA A 104 9.52 -11.87 6.65
C ALA A 104 9.79 -12.27 8.09
N ASP A 105 9.81 -11.31 8.99
CA ASP A 105 9.97 -11.53 10.43
C ASP A 105 8.83 -10.77 11.12
N PRO A 106 7.74 -11.45 11.49
CA PRO A 106 6.59 -10.72 12.05
C PRO A 106 6.89 -9.99 13.35
N ARG A 107 8.04 -10.22 13.99
CA ARG A 107 8.39 -9.48 15.19
C ARG A 107 8.76 -8.05 14.89
N GLN A 108 9.06 -7.73 13.63
CA GLN A 108 9.51 -6.40 13.29
C GLN A 108 8.34 -5.42 13.24
N GLU A 109 8.65 -4.16 13.49
CA GLU A 109 7.65 -3.10 13.46
C GLU A 109 8.07 -2.02 12.47
N PRO A 110 7.10 -1.36 11.84
CA PRO A 110 7.45 -0.28 10.92
C PRO A 110 8.16 0.85 11.63
N GLN A 111 9.12 1.45 10.93
CA GLN A 111 9.76 2.69 11.34
C GLN A 111 9.45 3.75 10.30
N ASN A 112 9.07 4.94 10.75
CA ASN A 112 8.73 6.04 9.84
C ASN A 112 10.02 6.58 9.24
N ILE A 113 10.42 5.98 8.11
CA ILE A 113 11.68 6.29 7.46
C ILE A 113 11.59 7.53 6.57
N GLU A 114 10.40 7.88 6.10
CA GLU A 114 10.21 8.95 5.13
C GLU A 114 9.15 9.91 5.68
N PRO A 115 9.50 10.64 6.75
CA PRO A 115 8.52 11.59 7.31
C PRO A 115 8.08 12.67 6.33
N GLU A 116 8.86 12.93 5.28
CA GLU A 116 8.44 13.90 4.28
C GLU A 116 7.19 13.45 3.54
N PHE A 117 6.91 12.15 3.54
CA PHE A 117 5.76 11.60 2.84
C PHE A 117 4.76 10.92 3.75
N CYS A 118 5.07 10.72 5.03
CA CYS A 118 4.22 9.94 5.90
C CYS A 118 4.38 10.42 7.32
N ASP A 119 3.27 10.57 8.03
CA ASP A 119 3.30 10.99 9.41
C ASP A 119 3.41 9.83 10.39
N GLY A 120 3.16 8.61 9.94
CA GLY A 120 3.32 7.46 10.81
C GLY A 120 2.57 6.25 10.30
N TRP A 121 2.93 5.12 10.88
CA TRP A 121 2.39 3.83 10.47
C TRP A 121 1.66 3.17 11.61
N GLY A 122 0.69 2.35 11.25
CA GLY A 122 -0.10 1.66 12.25
C GLY A 122 -0.70 0.39 11.68
N TRP A 123 -1.03 -0.51 12.58
CA TRP A 123 -1.72 -1.75 12.25
C TRP A 123 -3.20 -1.57 12.54
N TYR A 124 -4.02 -1.81 11.53
CA TYR A 124 -5.46 -1.62 11.62
C TYR A 124 -6.15 -2.92 11.24
N GLU A 125 -7.24 -3.24 11.92
CA GLU A 125 -8.09 -4.35 11.52
C GLU A 125 -8.90 -3.95 10.30
N TRP A 126 -9.01 -4.86 9.33
CA TRP A 126 -9.75 -4.55 8.10
C TRP A 126 -11.16 -4.07 8.42
N ASP A 127 -11.77 -4.65 9.45
CA ASP A 127 -13.14 -4.32 9.83
C ASP A 127 -13.29 -2.90 10.37
N ASN A 128 -12.20 -2.20 10.63
CA ASN A 128 -12.22 -0.94 11.35
C ASN A 128 -11.08 -0.06 10.83
N LEU A 129 -11.14 0.25 9.53
CA LEU A 129 -10.10 1.04 8.91
C LEU A 129 -10.19 2.50 9.35
N PRO A 130 -9.07 3.22 9.34
CA PRO A 130 -9.10 4.64 9.71
C PRO A 130 -9.65 5.49 8.58
N LYS A 131 -10.08 6.70 8.95
CA LYS A 131 -10.61 7.65 7.97
C LYS A 131 -10.00 9.02 8.19
N PRO A 132 -9.87 9.83 7.13
CA PRO A 132 -10.29 9.49 5.75
C PRO A 132 -9.27 8.59 5.07
N LEU A 133 -9.73 7.63 4.26
CA LEU A 133 -8.83 6.88 3.42
C LEU A 133 -8.53 7.67 2.15
N PHE A 134 -7.28 7.61 1.71
CA PHE A 134 -6.92 8.05 0.37
C PHE A 134 -7.92 7.54 -0.65
N TRP A 135 -8.49 8.44 -1.45
CA TRP A 135 -9.69 8.08 -2.21
C TRP A 135 -9.50 6.86 -3.10
N PRO A 136 -8.34 6.64 -3.74
CA PRO A 136 -8.19 5.39 -4.52
C PRO A 136 -8.31 4.15 -3.65
N LEU A 137 -7.97 4.25 -2.37
CA LEU A 137 -8.14 3.14 -1.45
C LEU A 137 -9.60 2.99 -1.01
N ASP A 138 -10.25 4.11 -0.66
CA ASP A 138 -11.67 4.02 -0.34
C ASP A 138 -12.43 3.40 -1.50
N ASN A 139 -12.03 3.71 -2.73
CA ASN A 139 -12.75 3.20 -3.89
C ASN A 139 -12.79 1.68 -3.89
N VAL A 140 -11.66 1.04 -3.65
CA VAL A 140 -11.63 -0.42 -3.67
C VAL A 140 -12.27 -1.00 -2.42
N VAL A 141 -12.12 -0.34 -1.27
CA VAL A 141 -12.83 -0.78 -0.08
C VAL A 141 -14.32 -0.76 -0.33
N GLN A 142 -14.81 0.29 -1.00
CA GLN A 142 -16.23 0.38 -1.33
C GLN A 142 -16.69 -0.80 -2.18
N ASP A 143 -15.77 -1.37 -2.95
CA ASP A 143 -16.10 -2.46 -3.87
C ASP A 143 -15.92 -3.83 -3.24
N GLY A 144 -15.73 -3.89 -1.92
CA GLY A 144 -15.59 -5.14 -1.22
C GLY A 144 -14.18 -5.70 -1.18
N PHE A 145 -13.18 -4.91 -1.56
CA PHE A 145 -11.80 -5.37 -1.53
C PHE A 145 -11.43 -5.87 -0.14
N ASN A 146 -10.91 -7.09 -0.09
CA ASN A 146 -10.47 -7.76 1.13
C ASN A 146 -9.15 -8.47 0.86
N PRO A 147 -8.02 -8.01 1.42
CA PRO A 147 -6.74 -8.66 1.14
C PRO A 147 -6.49 -9.95 1.91
N PHE A 148 -7.26 -10.23 2.94
CA PHE A 148 -6.96 -11.40 3.75
C PHE A 148 -7.47 -12.67 3.06
N PRO A 149 -6.69 -13.77 3.11
CA PRO A 149 -7.11 -14.97 2.37
C PRO A 149 -8.35 -15.64 2.98
#